data_1AMF
#
_entry.id   1AMF
#
_cell.length_a   82.570
_cell.length_b   82.570
_cell.length_c   81.510
_cell.angle_alpha   90.00
_cell.angle_beta   90.00
_cell.angle_gamma   120.00
#
_symmetry.space_group_name_H-M   'P 32 2 1'
#
loop_
_entity.id
_entity.type
_entity.pdbx_description
1 polymer 'MOLYBDATE TRANSPORT PROTEIN MODA'
2 non-polymer 'MOLYBDATE ION'
3 water water
#
_entity_poly.entity_id   1
_entity_poly.type   'polypeptide(L)'
_entity_poly.pdbx_seq_one_letter_code
;DEGKITVFAAASLTNAMQDIATQFKKEKGVDVVSSFASSSTLARQIEAGAPADLFISADQKWMDYAVDKKAIDTATRQTL
LGNSLVVVAPKASVQKDFTIDSKTNWTSLLNGGRLAVGDPEHVPAGIYAKEALQKLGAWDTLSPKLAPAEDVRGALALVE
RNEAPLGIVYGSDAVASKGVKVVATFPEDSHKKVEYPVAVVEGHNNATVKAFYDYLKGPQAAEIFKRYGFTIK
;
_entity_poly.pdbx_strand_id   A
#
loop_
_chem_comp.id
_chem_comp.type
_chem_comp.name
_chem_comp.formula
MOO non-polymer 'MOLYBDATE ION' 'Mo O4 -2'
#
# COMPACT_ATOMS: atom_id res chain seq x y z
N GLY A 3 -16.49 -22.92 2.60
CA GLY A 3 -16.79 -21.97 1.48
C GLY A 3 -15.50 -21.38 0.98
N LYS A 4 -15.62 -20.20 0.38
CA LYS A 4 -14.50 -19.47 -0.21
C LYS A 4 -14.64 -17.98 0.17
N ILE A 5 -13.55 -17.36 0.60
CA ILE A 5 -13.55 -15.93 0.98
C ILE A 5 -12.81 -15.11 -0.08
N THR A 6 -13.36 -13.97 -0.46
CA THR A 6 -12.77 -13.08 -1.45
C THR A 6 -12.29 -11.80 -0.75
N VAL A 7 -10.99 -11.52 -0.82
CA VAL A 7 -10.42 -10.35 -0.19
C VAL A 7 -9.96 -9.37 -1.26
N PHE A 8 -10.35 -8.10 -1.14
CA PHE A 8 -9.90 -7.06 -2.07
C PHE A 8 -8.91 -6.31 -1.18
N ALA A 9 -7.63 -6.36 -1.54
CA ALA A 9 -6.60 -5.70 -0.74
C ALA A 9 -5.65 -4.80 -1.53
N ALA A 10 -5.21 -3.71 -0.88
CA ALA A 10 -4.26 -2.74 -1.47
C ALA A 10 -3.09 -3.51 -2.04
N ALA A 11 -2.53 -3.05 -3.15
CA ALA A 11 -1.42 -3.72 -3.82
C ALA A 11 -0.22 -3.97 -2.91
N SER A 12 0.04 -3.05 -2.00
CA SER A 12 1.15 -3.19 -1.06
C SER A 12 1.02 -4.42 -0.13
N LEU A 13 -0.18 -5.01 -0.07
CA LEU A 13 -0.41 -6.19 0.78
C LEU A 13 -0.22 -7.52 0.05
N THR A 14 0.19 -7.47 -1.22
CA THR A 14 0.32 -8.68 -2.03
C THR A 14 0.99 -9.90 -1.37
N ASN A 15 2.21 -9.71 -0.91
CA ASN A 15 2.97 -10.83 -0.34
C ASN A 15 2.45 -11.31 0.98
N ALA A 16 2.19 -10.38 1.89
CA ALA A 16 1.67 -10.73 3.20
C ALA A 16 0.34 -11.45 3.09
N MET A 17 -0.57 -10.93 2.28
CA MET A 17 -1.87 -11.56 2.13
C MET A 17 -1.80 -12.95 1.53
N GLN A 18 -0.90 -13.17 0.60
CA GLN A 18 -0.78 -14.50 0.03
C GLN A 18 -0.29 -15.49 1.08
N ASP A 19 0.68 -15.07 1.90
CA ASP A 19 1.20 -15.95 2.95
C ASP A 19 0.12 -16.24 4.00
N ILE A 20 -0.64 -15.21 4.37
CA ILE A 20 -1.71 -15.39 5.34
C ILE A 20 -2.77 -16.35 4.81
N ALA A 21 -3.15 -16.21 3.53
CA ALA A 21 -4.16 -17.07 2.91
C ALA A 21 -3.72 -18.52 2.89
N THR A 22 -2.42 -18.73 2.64
CA THR A 22 -1.84 -20.06 2.60
C THR A 22 -1.94 -20.71 3.97
N GLN A 23 -1.57 -19.96 5.00
CA GLN A 23 -1.59 -20.40 6.39
C GLN A 23 -3.02 -20.70 6.87
N PHE A 24 -3.95 -19.83 6.53
CA PHE A 24 -5.35 -19.99 6.91
C PHE A 24 -5.91 -21.26 6.29
N LYS A 25 -5.56 -21.55 5.05
CA LYS A 25 -6.05 -22.77 4.42
C LYS A 25 -5.46 -23.99 5.09
N LYS A 26 -4.20 -23.91 5.51
CA LYS A 26 -3.55 -25.05 6.18
C LYS A 26 -4.25 -25.34 7.50
N GLU A 27 -4.40 -24.32 8.33
CA GLU A 27 -5.01 -24.52 9.63
C GLU A 27 -6.53 -24.42 9.81
N LYS A 28 -7.26 -23.99 8.80
CA LYS A 28 -8.72 -23.91 8.92
C LYS A 28 -9.48 -24.56 7.76
N GLY A 29 -8.77 -24.86 6.68
CA GLY A 29 -9.41 -25.51 5.54
C GLY A 29 -10.19 -24.66 4.55
N VAL A 30 -10.24 -23.35 4.77
CA VAL A 30 -10.99 -22.46 3.89
C VAL A 30 -10.10 -21.79 2.83
N ASP A 31 -10.61 -21.73 1.61
CA ASP A 31 -9.93 -21.11 0.50
C ASP A 31 -10.10 -19.58 0.53
N VAL A 32 -8.99 -18.85 0.47
CA VAL A 32 -9.06 -17.39 0.48
C VAL A 32 -8.50 -16.91 -0.85
N VAL A 33 -9.31 -16.20 -1.61
CA VAL A 33 -8.89 -15.67 -2.91
C VAL A 33 -8.73 -14.16 -2.78
N SER A 34 -7.55 -13.64 -3.13
CA SER A 34 -7.28 -12.21 -3.04
C SER A 34 -7.14 -11.53 -4.39
N SER A 35 -7.60 -10.29 -4.44
CA SER A 35 -7.51 -9.49 -5.64
C SER A 35 -6.73 -8.25 -5.15
N PHE A 36 -5.61 -7.96 -5.80
CA PHE A 36 -4.75 -6.83 -5.46
C PHE A 36 -4.77 -5.75 -6.53
N ALA A 37 -4.86 -4.50 -6.11
CA ALA A 37 -4.87 -3.35 -7.02
C ALA A 37 -4.78 -2.11 -6.14
N SER A 38 -4.81 -0.94 -6.75
CA SER A 38 -4.79 0.31 -6.00
C SER A 38 -6.05 0.31 -5.13
N SER A 39 -5.95 0.85 -3.91
CA SER A 39 -7.11 0.91 -3.02
C SER A 39 -8.31 1.65 -3.67
N SER A 40 -8.01 2.65 -4.51
CA SER A 40 -9.07 3.40 -5.16
C SER A 40 -9.85 2.52 -6.14
N THR A 41 -9.11 1.75 -6.92
CA THR A 41 -9.71 0.84 -7.90
C THR A 41 -10.62 -0.16 -7.22
N LEU A 42 -10.16 -0.74 -6.12
CA LEU A 42 -10.93 -1.73 -5.39
C LEU A 42 -12.18 -1.13 -4.76
N ALA A 43 -12.07 0.08 -4.20
CA ALA A 43 -13.24 0.71 -3.58
C ALA A 43 -14.32 0.96 -4.64
N ARG A 44 -13.93 1.41 -5.83
CA ARG A 44 -14.89 1.65 -6.90
C ARG A 44 -15.52 0.35 -7.39
N GLN A 45 -14.74 -0.74 -7.42
CA GLN A 45 -15.29 -2.02 -7.85
C GLN A 45 -16.32 -2.50 -6.83
N ILE A 46 -16.06 -2.27 -5.55
CA ILE A 46 -16.97 -2.67 -4.48
C ILE A 46 -18.26 -1.86 -4.58
N GLU A 47 -18.12 -0.57 -4.90
CA GLU A 47 -19.25 0.33 -5.05
C GLU A 47 -20.14 -0.16 -6.19
N ALA A 48 -19.52 -0.55 -7.31
CA ALA A 48 -20.26 -1.03 -8.48
C ALA A 48 -21.03 -2.32 -8.21
N GLY A 49 -20.57 -3.09 -7.23
CA GLY A 49 -21.23 -4.32 -6.89
C GLY A 49 -20.38 -5.57 -6.97
N ALA A 50 -19.06 -5.44 -7.14
CA ALA A 50 -18.18 -6.61 -7.20
C ALA A 50 -18.33 -7.35 -5.86
N PRO A 51 -18.45 -8.69 -5.90
CA PRO A 51 -18.60 -9.48 -4.68
C PRO A 51 -17.42 -9.76 -3.76
N ALA A 52 -16.82 -8.73 -3.17
CA ALA A 52 -15.73 -8.96 -2.22
C ALA A 52 -16.32 -9.18 -0.83
N ASP A 53 -15.64 -9.95 0.02
CA ASP A 53 -16.11 -10.17 1.39
C ASP A 53 -15.44 -9.20 2.36
N LEU A 54 -14.14 -8.94 2.15
CA LEU A 54 -13.35 -8.04 2.99
C LEU A 54 -12.65 -7.04 2.10
N PHE A 55 -12.37 -5.88 2.65
CA PHE A 55 -11.66 -4.83 1.93
C PHE A 55 -10.60 -4.27 2.88
N ILE A 56 -9.35 -4.21 2.42
CA ILE A 56 -8.26 -3.63 3.22
C ILE A 56 -7.64 -2.55 2.35
N SER A 57 -7.76 -1.31 2.81
CA SER A 57 -7.28 -0.15 2.07
C SER A 57 -5.93 0.34 2.61
N ALA A 58 -5.12 0.97 1.75
CA ALA A 58 -3.83 1.51 2.15
C ALA A 58 -3.96 2.91 2.73
N ASP A 59 -5.19 3.43 2.77
CA ASP A 59 -5.46 4.73 3.39
C ASP A 59 -6.88 4.77 3.94
N GLN A 60 -7.16 5.75 4.78
CA GLN A 60 -8.50 5.92 5.34
C GLN A 60 -9.46 6.48 4.28
N LYS A 61 -8.95 7.38 3.44
CA LYS A 61 -9.71 8.01 2.39
C LYS A 61 -10.60 7.07 1.57
N TRP A 62 -10.01 6.02 1.01
CA TRP A 62 -10.79 5.09 0.19
C TRP A 62 -11.73 4.20 0.97
N MET A 63 -11.50 4.02 2.27
CA MET A 63 -12.41 3.23 3.08
C MET A 63 -13.62 4.15 3.37
N ASP A 64 -13.34 5.42 3.67
CA ASP A 64 -14.40 6.40 3.91
C ASP A 64 -15.25 6.46 2.68
N TYR A 65 -14.62 6.41 1.51
CA TYR A 65 -15.36 6.45 0.26
C TYR A 65 -16.39 5.31 0.19
N ALA A 66 -15.92 4.08 0.42
CA ALA A 66 -16.76 2.91 0.39
C ALA A 66 -17.87 2.98 1.46
N VAL A 67 -17.53 3.51 2.64
CA VAL A 67 -18.50 3.65 3.71
C VAL A 67 -19.66 4.60 3.28
N ASP A 68 -19.33 5.70 2.60
CA ASP A 68 -20.33 6.66 2.12
C ASP A 68 -21.26 6.07 1.08
N LYS A 69 -20.76 5.13 0.29
CA LYS A 69 -21.62 4.51 -0.71
C LYS A 69 -22.41 3.36 -0.07
N LYS A 70 -22.39 3.25 1.25
CA LYS A 70 -23.12 2.21 1.97
C LYS A 70 -22.70 0.79 1.62
N ALA A 71 -21.43 0.62 1.29
CA ALA A 71 -20.93 -0.68 0.90
C ALA A 71 -20.14 -1.40 1.99
N ILE A 72 -20.06 -0.80 3.17
CA ILE A 72 -19.29 -1.38 4.26
C ILE A 72 -20.09 -1.64 5.54
N ASP A 73 -19.84 -2.76 6.18
CA ASP A 73 -20.48 -3.08 7.44
C ASP A 73 -19.62 -2.23 8.43
N THR A 74 -20.06 -1.01 8.72
CA THR A 74 -19.26 -0.10 9.53
C THR A 74 -18.81 -0.55 10.90
N ALA A 75 -19.62 -1.31 11.62
CA ALA A 75 -19.20 -1.75 12.95
C ALA A 75 -17.92 -2.60 12.89
N THR A 76 -17.60 -3.13 11.71
CA THR A 76 -16.39 -3.96 11.58
C THR A 76 -15.14 -3.17 11.20
N ARG A 77 -15.29 -1.91 10.80
CA ARG A 77 -14.13 -1.10 10.39
C ARG A 77 -13.11 -0.89 11.51
N GLN A 78 -11.85 -1.19 11.23
CA GLN A 78 -10.81 -1.03 12.24
C GLN A 78 -9.45 -0.79 11.56
N THR A 79 -8.63 0.11 12.12
CA THR A 79 -7.29 0.35 11.55
C THR A 79 -6.44 -0.85 11.94
N LEU A 80 -5.88 -1.52 10.95
CA LEU A 80 -5.12 -2.73 11.22
C LEU A 80 -3.59 -2.59 11.19
N LEU A 81 -3.08 -1.86 10.20
CA LEU A 81 -1.63 -1.72 10.01
C LEU A 81 -1.18 -0.29 9.82
N GLY A 82 0.12 -0.13 9.96
CA GLY A 82 0.76 1.15 9.74
C GLY A 82 1.89 0.86 8.76
N ASN A 83 2.52 1.89 8.22
CA ASN A 83 3.61 1.69 7.28
C ASN A 83 4.38 3.03 7.19
N SER A 84 5.51 3.00 6.50
CA SER A 84 6.33 4.19 6.33
C SER A 84 6.41 4.47 4.83
N LEU A 85 6.79 5.69 4.48
CA LEU A 85 6.93 6.09 3.08
C LEU A 85 8.43 6.25 2.82
N VAL A 86 8.96 5.54 1.82
CA VAL A 86 10.40 5.60 1.53
C VAL A 86 10.73 5.83 0.05
N VAL A 87 12.01 6.10 -0.23
CA VAL A 87 12.49 6.27 -1.60
C VAL A 87 13.40 5.07 -1.85
N VAL A 88 13.16 4.36 -2.95
CA VAL A 88 13.97 3.20 -3.28
C VAL A 88 14.73 3.42 -4.60
N ALA A 89 15.82 2.68 -4.79
CA ALA A 89 16.62 2.78 -6.01
C ALA A 89 16.92 1.35 -6.41
N PRO A 90 17.33 1.12 -7.68
CA PRO A 90 17.63 -0.26 -8.09
C PRO A 90 18.76 -0.83 -7.22
N LYS A 91 18.72 -2.14 -6.97
CA LYS A 91 19.71 -2.81 -6.13
C LYS A 91 21.14 -2.42 -6.53
N ALA A 92 21.44 -2.59 -7.81
CA ALA A 92 22.75 -2.29 -8.37
C ALA A 92 23.03 -0.83 -8.73
N SER A 93 22.24 0.09 -8.17
CA SER A 93 22.46 1.50 -8.44
C SER A 93 23.60 1.97 -7.54
N VAL A 94 24.26 3.05 -7.95
CA VAL A 94 25.38 3.60 -7.18
C VAL A 94 24.87 4.71 -6.28
N GLN A 95 23.56 4.89 -6.27
CA GLN A 95 22.89 5.92 -5.48
C GLN A 95 23.16 5.72 -3.98
N LYS A 96 23.55 6.79 -3.31
CA LYS A 96 23.85 6.69 -1.89
C LYS A 96 22.73 7.26 -1.06
N ASP A 97 22.68 6.88 0.20
CA ASP A 97 21.67 7.35 1.13
C ASP A 97 21.62 8.86 1.17
N PHE A 98 20.43 9.38 1.43
CA PHE A 98 20.23 10.81 1.54
C PHE A 98 19.09 11.14 2.49
N THR A 99 19.15 12.33 3.04
CA THR A 99 18.15 12.81 3.97
C THR A 99 17.15 13.64 3.17
N ILE A 100 15.91 13.66 3.65
CA ILE A 100 14.85 14.41 2.99
C ILE A 100 14.40 15.57 3.86
N ASP A 101 14.64 16.78 3.37
CA ASP A 101 14.25 18.00 4.09
C ASP A 101 13.92 19.09 3.08
N SER A 102 13.58 20.28 3.57
CA SER A 102 13.21 21.39 2.69
C SER A 102 14.25 21.71 1.64
N LYS A 103 15.52 21.40 1.92
CA LYS A 103 16.56 21.71 0.98
C LYS A 103 17.19 20.49 0.28
N THR A 104 16.39 19.49 -0.02
CA THR A 104 16.88 18.30 -0.73
C THR A 104 16.95 18.66 -2.21
N ASN A 105 18.02 18.27 -2.88
CA ASN A 105 18.14 18.61 -4.29
C ASN A 105 17.68 17.46 -5.16
N TRP A 106 16.38 17.39 -5.38
CA TRP A 106 15.78 16.33 -6.19
C TRP A 106 16.24 16.27 -7.63
N THR A 107 16.42 17.44 -8.24
CA THR A 107 16.84 17.55 -9.64
C THR A 107 18.16 16.84 -9.93
N SER A 108 19.15 17.04 -9.06
CA SER A 108 20.48 16.41 -9.21
C SER A 108 20.35 14.91 -9.04
N LEU A 109 19.54 14.50 -8.04
CA LEU A 109 19.28 13.10 -7.70
C LEU A 109 18.68 12.33 -8.88
N LEU A 110 17.71 12.95 -9.58
CA LEU A 110 17.07 12.32 -10.72
C LEU A 110 17.95 12.29 -11.95
N ASN A 111 18.56 13.43 -12.26
CA ASN A 111 19.52 13.50 -13.37
C ASN A 111 18.91 13.11 -14.73
N GLY A 112 17.84 13.77 -15.12
CA GLY A 112 17.23 13.41 -16.40
C GLY A 112 16.33 12.18 -16.37
N GLY A 113 16.34 11.46 -15.24
CA GLY A 113 15.49 10.28 -15.07
C GLY A 113 14.19 10.69 -14.38
N ARG A 114 13.20 9.79 -14.36
CA ARG A 114 11.89 10.05 -13.74
C ARG A 114 11.71 9.49 -12.32
N LEU A 115 10.80 10.09 -11.56
CA LEU A 115 10.49 9.65 -10.19
C LEU A 115 9.24 8.76 -10.26
N ALA A 116 9.41 7.45 -10.03
CA ALA A 116 8.30 6.50 -10.06
C ALA A 116 7.40 6.68 -8.84
N VAL A 117 6.10 6.82 -9.07
CA VAL A 117 5.14 7.00 -7.99
C VAL A 117 3.81 6.37 -8.36
N GLY A 118 3.00 6.06 -7.35
CA GLY A 118 1.67 5.56 -7.63
C GLY A 118 0.97 6.81 -8.14
N ASP A 119 0.05 6.66 -9.09
CA ASP A 119 -0.67 7.82 -9.65
C ASP A 119 -1.17 8.71 -8.50
N PRO A 120 -0.61 9.93 -8.36
CA PRO A 120 -1.02 10.84 -7.28
C PRO A 120 -2.48 11.29 -7.33
N GLU A 121 -3.14 11.00 -8.44
CA GLU A 121 -4.55 11.35 -8.64
C GLU A 121 -5.46 10.44 -7.82
N HIS A 122 -5.02 9.21 -7.52
CA HIS A 122 -5.86 8.31 -6.77
C HIS A 122 -5.23 7.15 -5.99
N VAL A 123 -4.04 6.71 -6.36
CA VAL A 123 -3.37 5.61 -5.64
C VAL A 123 -2.90 6.15 -4.28
N PRO A 124 -3.29 5.50 -3.15
CA PRO A 124 -2.86 5.98 -1.84
C PRO A 124 -1.38 6.32 -1.75
N ALA A 125 -0.50 5.46 -2.26
CA ALA A 125 0.95 5.72 -2.18
C ALA A 125 1.33 7.03 -2.88
N GLY A 126 0.60 7.36 -3.95
CA GLY A 126 0.84 8.59 -4.69
C GLY A 126 0.27 9.80 -3.95
N ILE A 127 -0.86 9.62 -3.27
CA ILE A 127 -1.49 10.68 -2.52
C ILE A 127 -0.64 11.06 -1.30
N TYR A 128 -0.09 10.06 -0.62
CA TYR A 128 0.77 10.31 0.55
C TYR A 128 2.02 11.05 0.04
N ALA A 129 2.58 10.58 -1.06
CA ALA A 129 3.77 11.18 -1.65
C ALA A 129 3.56 12.63 -2.07
N LYS A 130 2.47 12.90 -2.78
CA LYS A 130 2.19 14.25 -3.23
C LYS A 130 2.06 15.17 -2.02
N GLU A 131 1.38 14.70 -0.99
CA GLU A 131 1.19 15.47 0.24
C GLU A 131 2.55 15.82 0.85
N ALA A 132 3.44 14.83 0.96
CA ALA A 132 4.78 15.04 1.50
C ALA A 132 5.58 16.03 0.63
N LEU A 133 5.66 15.79 -0.68
CA LEU A 133 6.41 16.68 -1.58
C LEU A 133 5.88 18.10 -1.62
N GLN A 134 4.58 18.29 -1.41
CA GLN A 134 4.01 19.62 -1.37
C GLN A 134 4.39 20.30 -0.06
N LYS A 135 4.38 19.55 1.04
CA LYS A 135 4.74 20.10 2.34
C LYS A 135 6.24 20.47 2.38
N LEU A 136 7.07 19.74 1.64
CA LEU A 136 8.50 20.01 1.60
C LEU A 136 8.88 20.99 0.47
N GLY A 137 7.86 21.54 -0.20
CA GLY A 137 8.07 22.49 -1.28
C GLY A 137 8.70 21.96 -2.57
N ALA A 138 8.81 20.65 -2.70
CA ALA A 138 9.41 20.03 -3.89
C ALA A 138 8.45 19.68 -5.02
N TRP A 139 7.15 19.78 -4.77
CA TRP A 139 6.15 19.42 -5.76
C TRP A 139 6.27 20.12 -7.12
N ASP A 140 6.27 21.45 -7.12
CA ASP A 140 6.34 22.19 -8.38
C ASP A 140 7.50 21.77 -9.28
N THR A 141 8.60 21.37 -8.65
CA THR A 141 9.83 20.92 -9.32
C THR A 141 9.70 19.50 -9.84
N LEU A 142 9.09 18.64 -9.02
CA LEU A 142 8.92 17.24 -9.36
C LEU A 142 7.78 16.82 -10.28
N SER A 143 6.63 17.52 -10.26
CA SER A 143 5.50 17.12 -11.11
C SER A 143 5.78 16.81 -12.59
N PRO A 144 6.63 17.60 -13.27
CA PRO A 144 6.87 17.25 -14.67
C PRO A 144 7.85 16.10 -14.85
N LYS A 145 8.37 15.57 -13.73
CA LYS A 145 9.34 14.49 -13.77
C LYS A 145 8.84 13.15 -13.22
N LEU A 146 7.55 13.04 -13.00
CA LEU A 146 6.98 11.81 -12.47
C LEU A 146 6.82 10.72 -13.52
N ALA A 147 6.76 9.49 -13.05
CA ALA A 147 6.49 8.32 -13.90
C ALA A 147 5.37 7.66 -13.09
N PRO A 148 4.10 8.11 -13.27
CA PRO A 148 3.00 7.51 -12.51
C PRO A 148 2.71 6.04 -12.87
N ALA A 149 2.12 5.30 -11.94
CA ALA A 149 1.78 3.91 -12.14
C ALA A 149 0.39 3.60 -11.56
N GLU A 150 -0.22 2.51 -12.04
CA GLU A 150 -1.56 2.02 -11.64
C GLU A 150 -1.72 1.77 -10.13
N ASP A 151 -0.65 1.32 -9.47
CA ASP A 151 -0.67 1.09 -8.01
C ASP A 151 0.77 1.14 -7.49
N VAL A 152 0.98 1.02 -6.19
CA VAL A 152 2.35 1.12 -5.65
C VAL A 152 3.30 0.04 -6.15
N ARG A 153 2.77 -1.14 -6.49
CA ARG A 153 3.63 -2.20 -7.01
C ARG A 153 4.06 -1.91 -8.46
N GLY A 154 3.25 -1.15 -9.18
CA GLY A 154 3.61 -0.75 -10.54
C GLY A 154 4.79 0.21 -10.43
N ALA A 155 4.77 1.10 -9.44
CA ALA A 155 5.87 2.04 -9.25
C ALA A 155 7.13 1.28 -8.87
N LEU A 156 6.99 0.31 -7.96
CA LEU A 156 8.12 -0.50 -7.52
C LEU A 156 8.77 -1.21 -8.72
N ALA A 157 7.95 -1.77 -9.61
CA ALA A 157 8.44 -2.49 -10.77
C ALA A 157 9.29 -1.59 -11.67
N LEU A 158 8.90 -0.33 -11.80
CA LEU A 158 9.64 0.63 -12.62
C LEU A 158 11.08 0.78 -12.12
N VAL A 159 11.27 0.81 -10.81
CA VAL A 159 12.60 0.92 -10.22
C VAL A 159 13.37 -0.43 -10.30
N GLU A 160 12.68 -1.56 -10.06
CA GLU A 160 13.31 -2.87 -10.14
C GLU A 160 13.84 -3.14 -11.56
N ARG A 161 13.09 -2.73 -12.57
CA ARG A 161 13.47 -2.93 -13.96
C ARG A 161 14.40 -1.81 -14.43
N ASN A 162 14.83 -0.98 -13.48
CA ASN A 162 15.70 0.15 -13.76
C ASN A 162 15.17 1.11 -14.85
N GLU A 163 13.86 1.31 -14.87
CA GLU A 163 13.22 2.23 -15.82
C GLU A 163 13.08 3.62 -15.18
N ALA A 164 13.38 3.70 -13.89
CA ALA A 164 13.35 4.95 -13.13
C ALA A 164 14.45 4.81 -12.07
N PRO A 165 15.25 5.86 -11.87
CA PRO A 165 16.35 5.89 -10.90
C PRO A 165 15.86 5.77 -9.46
N LEU A 166 14.74 6.42 -9.19
CA LEU A 166 14.15 6.46 -7.86
C LEU A 166 12.64 6.27 -7.94
N GLY A 167 12.07 5.77 -6.84
CA GLY A 167 10.64 5.57 -6.76
C GLY A 167 10.21 5.74 -5.33
N ILE A 168 9.00 6.24 -5.13
CA ILE A 168 8.46 6.42 -3.78
C ILE A 168 7.46 5.29 -3.52
N VAL A 169 7.77 4.43 -2.55
CA VAL A 169 6.90 3.31 -2.21
C VAL A 169 6.82 3.20 -0.69
N TYR A 170 6.18 2.15 -0.19
CA TYR A 170 6.07 1.95 1.26
C TYR A 170 7.29 1.19 1.74
N GLY A 171 7.62 1.34 3.02
CA GLY A 171 8.75 0.62 3.59
C GLY A 171 8.57 -0.87 3.34
N SER A 172 7.34 -1.37 3.51
CA SER A 172 7.05 -2.79 3.30
C SER A 172 7.37 -3.30 1.89
N ASP A 173 7.26 -2.42 0.89
CA ASP A 173 7.53 -2.81 -0.50
C ASP A 173 8.99 -3.15 -0.68
N ALA A 174 9.87 -2.42 0.01
CA ALA A 174 11.31 -2.63 -0.05
C ALA A 174 11.65 -4.00 0.53
N VAL A 175 10.97 -4.38 1.62
CA VAL A 175 11.19 -5.68 2.25
C VAL A 175 10.78 -6.83 1.32
N ALA A 176 9.70 -6.63 0.57
CA ALA A 176 9.19 -7.66 -0.35
C ALA A 176 9.99 -7.74 -1.64
N SER A 177 10.65 -6.65 -1.97
CA SER A 177 11.41 -6.59 -3.20
C SER A 177 12.83 -7.09 -3.06
N LYS A 178 13.18 -7.94 -4.01
CA LYS A 178 14.51 -8.51 -4.07
C LYS A 178 15.45 -7.59 -4.89
N GLY A 179 14.88 -6.68 -5.68
CA GLY A 179 15.70 -5.83 -6.52
C GLY A 179 15.82 -4.35 -6.29
N VAL A 180 15.56 -3.86 -5.09
CA VAL A 180 15.68 -2.43 -4.82
C VAL A 180 16.28 -2.27 -3.44
N LYS A 181 16.62 -1.03 -3.08
CA LYS A 181 17.18 -0.73 -1.78
C LYS A 181 16.66 0.61 -1.31
N VAL A 182 16.46 0.74 -0.01
CA VAL A 182 15.94 1.99 0.54
C VAL A 182 17.08 2.99 0.62
N VAL A 183 16.91 4.16 0.02
CA VAL A 183 17.94 5.19 0.06
C VAL A 183 17.53 6.44 0.85
N ALA A 184 16.29 6.50 1.29
CA ALA A 184 15.80 7.64 2.08
C ALA A 184 14.44 7.28 2.67
N THR A 185 14.05 7.97 3.72
CA THR A 185 12.79 7.73 4.39
C THR A 185 12.16 9.06 4.67
N PHE A 186 10.88 9.23 4.30
CA PHE A 186 10.22 10.50 4.55
C PHE A 186 9.99 10.69 6.04
N PRO A 187 10.16 11.92 6.53
CA PRO A 187 9.94 12.16 7.96
C PRO A 187 8.45 11.97 8.24
N GLU A 188 8.14 11.36 9.38
CA GLU A 188 6.74 11.11 9.72
C GLU A 188 5.82 12.32 9.64
N ASP A 189 6.34 13.49 9.95
CA ASP A 189 5.53 14.71 9.94
C ASP A 189 5.22 15.30 8.57
N SER A 190 5.80 14.76 7.50
CA SER A 190 5.54 15.30 6.17
C SER A 190 4.24 14.87 5.52
N HIS A 191 3.60 13.85 6.07
CA HIS A 191 2.36 13.32 5.50
C HIS A 191 1.44 12.71 6.55
N LYS A 192 0.18 12.48 6.18
CA LYS A 192 -0.76 11.80 7.08
C LYS A 192 -0.12 10.45 7.40
N LYS A 193 -0.38 9.96 8.59
CA LYS A 193 0.13 8.68 9.05
C LYS A 193 -0.40 7.60 8.05
N VAL A 194 0.48 6.75 7.53
CA VAL A 194 0.04 5.70 6.61
C VAL A 194 -0.68 4.63 7.43
N GLU A 195 -1.97 4.48 7.18
CA GLU A 195 -2.81 3.53 7.90
C GLU A 195 -3.65 2.68 6.99
N TYR A 196 -3.80 1.42 7.37
CA TYR A 196 -4.59 0.44 6.61
C TYR A 196 -5.84 -0.04 7.33
N PRO A 197 -7.02 0.52 6.99
CA PRO A 197 -8.25 0.06 7.64
C PRO A 197 -8.77 -1.22 6.95
N VAL A 198 -9.38 -2.11 7.74
CA VAL A 198 -9.96 -3.35 7.22
C VAL A 198 -11.44 -3.29 7.59
N ALA A 199 -12.31 -3.85 6.75
CA ALA A 199 -13.73 -3.91 7.07
C ALA A 199 -14.41 -4.97 6.24
N VAL A 200 -15.48 -5.53 6.79
CA VAL A 200 -16.27 -6.53 6.08
C VAL A 200 -17.22 -5.74 5.15
N VAL A 201 -17.39 -6.24 3.94
CA VAL A 201 -18.24 -5.60 2.96
C VAL A 201 -19.70 -5.85 3.36
N GLU A 202 -20.53 -4.83 3.19
CA GLU A 202 -21.93 -4.91 3.56
C GLU A 202 -22.60 -6.16 2.99
N GLY A 203 -23.23 -6.93 3.87
CA GLY A 203 -23.92 -8.13 3.45
C GLY A 203 -23.06 -9.38 3.39
N HIS A 204 -21.78 -9.26 3.72
CA HIS A 204 -20.88 -10.41 3.68
C HIS A 204 -20.39 -10.79 5.07
N ASN A 205 -21.11 -10.33 6.09
CA ASN A 205 -20.73 -10.63 7.45
C ASN A 205 -21.41 -11.89 7.93
N ASN A 206 -20.79 -13.02 7.62
CA ASN A 206 -21.29 -14.32 8.03
C ASN A 206 -20.16 -14.95 8.84
N ALA A 207 -20.41 -16.12 9.43
CA ALA A 207 -19.42 -16.78 10.27
C ALA A 207 -18.09 -17.13 9.60
N THR A 208 -18.13 -17.53 8.33
CA THR A 208 -16.93 -17.86 7.58
C THR A 208 -16.03 -16.62 7.39
N VAL A 209 -16.61 -15.52 6.90
CA VAL A 209 -15.87 -14.28 6.70
C VAL A 209 -15.36 -13.75 8.04
N LYS A 210 -16.19 -13.82 9.08
CA LYS A 210 -15.83 -13.35 10.40
C LYS A 210 -14.64 -14.14 10.97
N ALA A 211 -14.56 -15.43 10.65
CA ALA A 211 -13.45 -16.27 11.12
C ALA A 211 -12.13 -15.75 10.56
N PHE A 212 -12.14 -15.40 9.28
CA PHE A 212 -10.94 -14.87 8.62
C PHE A 212 -10.58 -13.49 9.13
N TYR A 213 -11.60 -12.65 9.29
CA TYR A 213 -11.43 -11.30 9.80
C TYR A 213 -10.75 -11.37 11.18
N ASP A 214 -11.21 -12.28 12.04
CA ASP A 214 -10.62 -12.44 13.37
C ASP A 214 -9.17 -12.95 13.27
N TYR A 215 -8.92 -13.82 12.30
CA TYR A 215 -7.58 -14.37 12.09
C TYR A 215 -6.60 -13.25 11.76
N LEU A 216 -7.03 -12.29 10.94
CA LEU A 216 -6.20 -11.14 10.57
C LEU A 216 -5.70 -10.36 11.78
N LYS A 217 -6.45 -10.35 12.87
CA LYS A 217 -6.06 -9.66 14.10
C LYS A 217 -5.34 -10.57 15.09
N GLY A 218 -5.12 -11.84 14.71
CA GLY A 218 -4.46 -12.78 15.58
C GLY A 218 -2.94 -12.77 15.50
N PRO A 219 -2.26 -13.60 16.31
CA PRO A 219 -0.79 -13.70 16.35
C PRO A 219 -0.12 -14.30 15.10
N GLN A 220 -0.74 -15.29 14.45
CA GLN A 220 -0.14 -15.90 13.24
C GLN A 220 -0.04 -14.85 12.15
N ALA A 221 -1.11 -14.06 12.00
CA ALA A 221 -1.14 -13.02 10.99
C ALA A 221 -0.21 -11.88 11.37
N ALA A 222 -0.22 -11.48 12.65
CA ALA A 222 0.67 -10.39 13.08
C ALA A 222 2.14 -10.76 12.78
N GLU A 223 2.49 -12.04 12.92
CA GLU A 223 3.85 -12.51 12.63
C GLU A 223 4.22 -12.27 11.15
N ILE A 224 3.30 -12.63 10.26
CA ILE A 224 3.51 -12.46 8.84
C ILE A 224 3.55 -10.97 8.46
N PHE A 225 2.67 -10.15 9.03
CA PHE A 225 2.67 -8.73 8.72
C PHE A 225 3.99 -8.06 9.12
N LYS A 226 4.49 -8.40 10.31
CA LYS A 226 5.74 -7.84 10.84
C LYS A 226 6.94 -8.21 9.97
N ARG A 227 6.99 -9.47 9.56
CA ARG A 227 8.05 -9.98 8.72
C ARG A 227 8.12 -9.20 7.39
N TYR A 228 6.99 -8.69 6.92
CA TYR A 228 6.95 -7.95 5.66
C TYR A 228 7.09 -6.46 5.78
N GLY A 229 7.41 -5.98 7.00
CA GLY A 229 7.65 -4.57 7.21
C GLY A 229 6.51 -3.67 7.65
N PHE A 230 5.33 -4.24 7.92
CA PHE A 230 4.19 -3.46 8.36
C PHE A 230 4.25 -3.30 9.87
N THR A 231 3.72 -2.20 10.38
CA THR A 231 3.68 -2.03 11.82
C THR A 231 2.24 -2.45 12.22
N ILE A 232 2.11 -3.21 13.32
CA ILE A 232 0.80 -3.65 13.80
C ILE A 232 0.21 -2.61 14.75
N LYS A 233 -1.01 -2.15 14.44
CA LYS A 233 -1.69 -1.15 15.27
C LYS A 233 -2.39 -1.81 16.46
MO MOO B . -1.68 0.96 -2.74
O1 MOO B . -1.21 0.65 -4.34
O2 MOO B . -3.39 1.02 -2.66
O3 MOO B . -1.20 2.48 -2.16
O4 MOO B . -1.10 -0.31 -1.75
#